data_7VGU
#
_entry.id   7VGU
#
_cell.length_a   104.300
_cell.length_b   51.100
_cell.length_c   78.400
_cell.angle_alpha   90.000
_cell.angle_beta   131.500
_cell.angle_gamma   90.000
#
_symmetry.space_group_name_H-M   'C 1 2 1'
#
loop_
_entity.id
_entity.type
_entity.pdbx_description
1 polymer 'Chloride pumping rhodopsin'
2 non-polymer RETINAL
3 non-polymer HEXANE
4 non-polymer DECANE
5 non-polymer 'BROMIDE ION'
6 water water
#
_entity_poly.entity_id   1
_entity_poly.type   'polypeptide(L)'
_entity_poly.pdbx_seq_one_letter_code
;GSSGSSGMKNIESLFDYSAGQFEFIDHLLTMGVGVHFAALIFFLVVSQFVAPKYRIATALSCIVMVSAGLILNSQAVMWT
DAYAYVDGSYQLQDLTFSNGYRYVNWMATIPCLLLQLLIVLNLKGKELFSTATWLILAAWGMIITGYVGQLYEVDDIAQL
MIWGAVSTAFFVVMNWIVGTKIFKNRATMLGGTDSTITKVFWLMMFAWTLYPIAYLVPAFMNNADGVVLRQLLFTIADIS
SKVIYGLMITYIAIQQSAAAGYVPAQQALGRIGMDSKAA
;
_entity_poly.pdbx_strand_id   A
#
loop_
_chem_comp.id
_chem_comp.type
_chem_comp.name
_chem_comp.formula
BR non-polymer 'BROMIDE ION' 'Br -1'
D10 non-polymer DECANE 'C10 H22'
HEX non-polymer HEXANE 'C6 H14'
RET non-polymer RETINAL 'C20 H28 O'
#
# COMPACT_ATOMS: atom_id res chain seq x y z
N MET A 8 -11.88 9.59 -21.82
CA MET A 8 -10.62 9.51 -21.09
C MET A 8 -10.38 8.09 -20.60
N LYS A 9 -9.77 7.29 -21.48
CA LYS A 9 -9.53 5.88 -21.22
C LYS A 9 -8.24 5.69 -20.42
N ASN A 10 -8.02 4.45 -20.01
CA ASN A 10 -6.75 4.01 -19.46
C ASN A 10 -5.98 3.25 -20.54
N ILE A 11 -4.65 3.20 -20.38
CA ILE A 11 -3.83 2.57 -21.41
C ILE A 11 -4.10 1.08 -21.53
N GLU A 12 -4.65 0.46 -20.48
CA GLU A 12 -4.98 -0.97 -20.55
C GLU A 12 -5.99 -1.25 -21.66
N SER A 13 -6.95 -0.34 -21.84
CA SER A 13 -8.00 -0.52 -22.84
C SER A 13 -7.51 -0.34 -24.27
N LEU A 14 -6.25 0.03 -24.47
CA LEU A 14 -5.75 0.36 -25.80
C LEU A 14 -5.21 -0.83 -26.57
N PHE A 15 -4.86 -1.92 -25.89
CA PHE A 15 -4.11 -3.00 -26.52
C PHE A 15 -4.84 -4.32 -26.41
N ASP A 16 -4.53 -5.21 -27.34
CA ASP A 16 -4.78 -6.63 -27.17
C ASP A 16 -3.58 -7.27 -26.49
N TYR A 17 -3.82 -8.40 -25.85
CA TYR A 17 -2.79 -9.04 -25.05
C TYR A 17 -2.56 -10.47 -25.50
N SER A 18 -1.29 -10.86 -25.55
CA SER A 18 -0.97 -12.27 -25.74
C SER A 18 -1.47 -13.06 -24.55
N ALA A 19 -1.63 -14.38 -24.76
CA ALA A 19 -2.03 -15.24 -23.66
C ALA A 19 -1.01 -15.18 -22.52
N GLY A 20 0.28 -15.06 -22.86
CA GLY A 20 1.30 -15.00 -21.83
C GLY A 20 1.23 -13.71 -21.02
N GLN A 21 0.99 -12.58 -21.70
CA GLN A 21 0.82 -11.31 -20.98
C GLN A 21 -0.43 -11.34 -20.10
N PHE A 22 -1.54 -11.82 -20.65
CA PHE A 22 -2.81 -11.82 -19.92
C PHE A 22 -2.74 -12.69 -18.68
N GLU A 23 -2.23 -13.91 -18.82
CA GLU A 23 -2.19 -14.84 -17.69
C GLU A 23 -1.17 -14.41 -16.65
N PHE A 24 -0.07 -13.77 -17.06
CA PHE A 24 0.91 -13.28 -16.10
C PHE A 24 0.31 -12.20 -15.20
N ILE A 25 -0.45 -11.27 -15.80
CA ILE A 25 -1.11 -10.23 -15.03
C ILE A 25 -2.14 -10.83 -14.08
N ASP A 26 -2.95 -11.76 -14.60
CA ASP A 26 -3.93 -12.44 -13.76
C ASP A 26 -3.26 -13.19 -12.62
N HIS A 27 -2.14 -13.86 -12.91
CA HIS A 27 -1.44 -14.60 -11.86
C HIS A 27 -0.78 -13.67 -10.86
N LEU A 28 -0.34 -12.50 -11.30
CA LEU A 28 0.22 -11.51 -10.36
C LEU A 28 -0.84 -11.05 -9.37
N LEU A 29 -2.05 -10.75 -9.86
CA LEU A 29 -3.11 -10.28 -8.98
C LEU A 29 -3.58 -11.38 -8.04
N THR A 30 -3.75 -12.60 -8.57
CA THR A 30 -4.21 -13.69 -7.71
C THR A 30 -3.15 -14.07 -6.69
N MET A 31 -1.88 -13.99 -7.07
CA MET A 31 -0.80 -14.22 -6.09
C MET A 31 -0.84 -13.17 -4.99
N GLY A 32 -1.10 -11.91 -5.35
CA GLY A 32 -1.20 -10.87 -4.34
C GLY A 32 -2.34 -11.11 -3.37
N VAL A 33 -3.46 -11.63 -3.86
CA VAL A 33 -4.57 -11.97 -2.98
C VAL A 33 -4.13 -13.00 -1.94
N GLY A 34 -3.47 -14.07 -2.40
CA GLY A 34 -3.07 -15.13 -1.49
C GLY A 34 -2.08 -14.67 -0.44
N VAL A 35 -1.15 -13.79 -0.82
CA VAL A 35 -0.15 -13.32 0.12
C VAL A 35 -0.79 -12.48 1.21
N HIS A 36 -1.72 -11.59 0.84
CA HIS A 36 -2.33 -10.71 1.82
C HIS A 36 -3.24 -11.47 2.76
N PHE A 37 -3.98 -12.47 2.25
CA PHE A 37 -4.86 -13.23 3.12
C PHE A 37 -4.10 -14.25 3.96
N ALA A 38 -2.93 -14.70 3.49
CA ALA A 38 -2.08 -15.51 4.33
C ALA A 38 -1.44 -14.68 5.44
N ALA A 39 -1.03 -13.45 5.12
CA ALA A 39 -0.50 -12.56 6.14
C ALA A 39 -1.58 -12.15 7.12
N LEU A 40 -2.83 -12.01 6.65
CA LEU A 40 -3.94 -11.67 7.54
C LEU A 40 -4.08 -12.68 8.67
N ILE A 41 -3.94 -13.97 8.37
CA ILE A 41 -4.02 -15.00 9.40
C ILE A 41 -2.89 -14.81 10.41
N PHE A 42 -1.67 -14.56 9.92
CA PHE A 42 -0.53 -14.39 10.81
C PHE A 42 -0.74 -13.22 11.75
N PHE A 43 -1.18 -12.08 11.22
CA PHE A 43 -1.40 -10.90 12.06
C PHE A 43 -2.49 -11.16 13.09
N LEU A 44 -3.52 -11.93 12.72
CA LEU A 44 -4.59 -12.23 13.67
C LEU A 44 -4.09 -13.06 14.83
N VAL A 45 -3.27 -14.08 14.55
CA VAL A 45 -2.86 -15.02 15.58
C VAL A 45 -1.88 -14.37 16.55
N VAL A 46 -0.96 -13.55 16.04
CA VAL A 46 0.02 -12.91 16.92
C VAL A 46 -0.55 -11.71 17.67
N SER A 47 -1.79 -11.32 17.39
CA SER A 47 -2.41 -10.22 18.12
C SER A 47 -2.38 -10.44 19.62
N GLN A 48 -2.55 -11.70 20.05
CA GLN A 48 -2.61 -12.01 21.47
C GLN A 48 -1.27 -11.79 22.17
N PHE A 49 -0.17 -11.70 21.41
CA PHE A 49 1.16 -11.53 21.98
C PHE A 49 1.60 -10.08 22.02
N VAL A 50 0.68 -9.14 21.83
CA VAL A 50 0.99 -7.71 21.81
C VAL A 50 0.28 -7.05 22.99
N ALA A 51 0.99 -6.19 23.71
CA ALA A 51 0.42 -5.48 24.84
C ALA A 51 -0.77 -4.64 24.40
N PRO A 52 -1.70 -4.34 25.30
CA PRO A 52 -2.90 -3.56 24.91
C PRO A 52 -2.58 -2.23 24.23
N LYS A 53 -1.52 -1.55 24.66
CA LYS A 53 -1.23 -0.23 24.12
C LYS A 53 -0.86 -0.29 22.64
N TYR A 54 -0.25 -1.40 22.19
CA TYR A 54 0.20 -1.53 20.81
C TYR A 54 -0.71 -2.41 19.95
N ARG A 55 -1.73 -3.03 20.54
CA ARG A 55 -2.49 -4.06 19.83
C ARG A 55 -3.22 -3.49 18.62
N ILE A 56 -3.61 -2.22 18.66
CA ILE A 56 -4.34 -1.62 17.55
C ILE A 56 -3.49 -1.60 16.28
N ALA A 57 -2.16 -1.48 16.43
CA ALA A 57 -1.29 -1.47 15.27
C ALA A 57 -1.33 -2.80 14.51
N THR A 58 -1.41 -3.91 15.25
CA THR A 58 -1.56 -5.21 14.60
C THR A 58 -2.95 -5.37 14.00
N ALA A 59 -3.98 -4.79 14.64
CA ALA A 59 -5.32 -4.84 14.08
C ALA A 59 -5.39 -4.05 12.78
N LEU A 60 -4.65 -2.94 12.70
CA LEU A 60 -4.63 -2.16 11.47
C LEU A 60 -3.98 -2.95 10.33
N SER A 61 -3.02 -3.83 10.66
CA SER A 61 -2.48 -4.72 9.64
C SER A 61 -3.56 -5.66 9.11
N CYS A 62 -4.44 -6.14 9.99
CA CYS A 62 -5.51 -7.02 9.56
C CYS A 62 -6.45 -6.30 8.59
N ILE A 63 -6.80 -5.05 8.91
CA ILE A 63 -7.68 -4.26 8.05
C ILE A 63 -7.01 -4.02 6.70
N VAL A 64 -5.70 -3.74 6.70
CA VAL A 64 -4.99 -3.49 5.45
C VAL A 64 -4.97 -4.75 4.58
N MET A 65 -4.75 -5.92 5.19
CA MET A 65 -4.66 -7.15 4.42
C MET A 65 -5.97 -7.44 3.68
N VAL A 66 -7.10 -7.27 4.36
CA VAL A 66 -8.39 -7.55 3.73
C VAL A 66 -8.75 -6.46 2.73
N SER A 67 -8.44 -5.20 3.06
CA SER A 67 -8.72 -4.10 2.15
C SER A 67 -7.97 -4.29 0.84
N ALA A 68 -6.65 -4.52 0.91
CA ALA A 68 -5.88 -4.74 -0.31
C ALA A 68 -6.26 -6.05 -0.98
N GLY A 69 -6.48 -7.11 -0.20
CA GLY A 69 -6.82 -8.39 -0.79
C GLY A 69 -8.14 -8.36 -1.54
N LEU A 70 -9.13 -7.64 -1.01
CA LEU A 70 -10.40 -7.50 -1.71
C LEU A 70 -10.25 -6.72 -3.00
N ILE A 71 -9.45 -5.66 -3.00
N ILE A 71 -9.44 -5.68 -3.01
CA ILE A 71 -9.29 -4.87 -4.21
CA ILE A 71 -9.33 -4.90 -4.24
C ILE A 71 -8.43 -5.62 -5.23
C ILE A 71 -8.49 -5.64 -5.27
N LEU A 72 -7.48 -6.45 -4.79
N LEU A 72 -7.50 -6.42 -4.83
CA LEU A 72 -6.69 -7.27 -5.73
CA LEU A 72 -6.73 -7.23 -5.76
C LEU A 72 -7.58 -8.36 -6.33
C LEU A 72 -7.59 -8.35 -6.36
N ASN A 73 -8.44 -8.99 -5.53
N ASN A 73 -8.47 -8.96 -5.56
CA ASN A 73 -9.39 -9.95 -6.07
CA ASN A 73 -9.38 -9.96 -6.13
C ASN A 73 -10.37 -9.27 -7.01
C ASN A 73 -10.38 -9.29 -7.08
N SER A 74 -10.85 -8.09 -6.63
N SER A 74 -10.91 -8.14 -6.70
CA SER A 74 -11.71 -7.30 -7.50
CA SER A 74 -11.85 -7.44 -7.55
C SER A 74 -11.05 -7.05 -8.85
C SER A 74 -11.22 -7.11 -8.91
N GLN A 75 -9.77 -6.67 -8.84
N GLN A 75 -9.94 -6.71 -8.91
CA GLN A 75 -9.08 -6.39 -10.10
CA GLN A 75 -9.28 -6.41 -10.17
C GLN A 75 -8.92 -7.65 -10.93
C GLN A 75 -8.95 -7.67 -10.96
N ALA A 76 -8.73 -8.80 -10.28
CA ALA A 76 -8.50 -10.04 -11.01
C ALA A 76 -9.73 -10.46 -11.80
N VAL A 77 -10.91 -10.45 -11.16
CA VAL A 77 -12.11 -10.90 -11.85
C VAL A 77 -12.54 -9.90 -12.92
N MET A 78 -12.34 -8.61 -12.66
CA MET A 78 -12.61 -7.59 -13.67
C MET A 78 -11.74 -7.81 -14.90
N TRP A 79 -10.49 -8.23 -14.68
CA TRP A 79 -9.58 -8.53 -15.78
C TRP A 79 -10.12 -9.66 -16.64
N THR A 80 -10.60 -10.74 -16.01
CA THR A 80 -11.15 -11.87 -16.77
C THR A 80 -12.55 -11.60 -17.28
N ASP A 81 -13.27 -10.64 -16.69
CA ASP A 81 -14.59 -10.29 -17.20
C ASP A 81 -14.49 -9.48 -18.48
N ALA A 82 -13.53 -8.55 -18.55
CA ALA A 82 -13.50 -7.56 -19.62
C ALA A 82 -12.86 -8.06 -20.90
N TYR A 83 -12.14 -9.17 -20.87
CA TYR A 83 -11.38 -9.64 -22.02
C TYR A 83 -11.79 -11.06 -22.39
N ALA A 84 -11.73 -11.34 -23.69
CA ALA A 84 -11.99 -12.68 -24.21
C ALA A 84 -10.93 -13.03 -25.22
N TYR A 85 -10.53 -14.31 -25.23
CA TYR A 85 -9.52 -14.81 -26.17
C TYR A 85 -10.19 -15.03 -27.52
N VAL A 86 -9.96 -14.13 -28.46
CA VAL A 86 -10.57 -14.18 -29.78
C VAL A 86 -9.48 -14.08 -30.84
N ASP A 87 -9.44 -15.07 -31.74
CA ASP A 87 -8.51 -15.08 -32.88
C ASP A 87 -7.07 -14.92 -32.41
N GLY A 88 -6.71 -15.63 -31.36
CA GLY A 88 -5.32 -15.72 -30.93
C GLY A 88 -4.85 -14.67 -29.95
N SER A 89 -5.73 -13.80 -29.46
CA SER A 89 -5.31 -12.81 -28.47
C SER A 89 -6.51 -12.45 -27.60
N TYR A 90 -6.20 -11.89 -26.43
CA TYR A 90 -7.24 -11.42 -25.51
C TYR A 90 -7.63 -10.01 -25.91
N GLN A 91 -8.90 -9.81 -26.24
CA GLN A 91 -9.39 -8.54 -26.73
C GLN A 91 -10.48 -8.00 -25.81
N LEU A 92 -10.53 -6.67 -25.72
CA LEU A 92 -11.50 -6.01 -24.84
C LEU A 92 -12.93 -6.33 -25.29
N GLN A 93 -13.78 -6.70 -24.33
CA GLN A 93 -15.17 -7.05 -24.57
C GLN A 93 -16.07 -5.94 -24.04
N ASP A 94 -17.29 -6.30 -23.64
CA ASP A 94 -18.27 -5.30 -23.25
C ASP A 94 -17.87 -4.59 -21.97
N LEU A 95 -17.18 -5.26 -21.06
CA LEU A 95 -16.96 -4.69 -19.75
C LEU A 95 -15.68 -3.84 -19.73
N THR A 96 -15.35 -3.33 -18.54
CA THR A 96 -14.32 -2.32 -18.36
C THR A 96 -13.37 -2.75 -17.25
N PHE A 97 -12.09 -2.46 -17.44
CA PHE A 97 -11.08 -2.61 -16.40
C PHE A 97 -10.43 -1.26 -16.13
N SER A 98 -10.01 -1.04 -14.88
CA SER A 98 -9.44 0.26 -14.52
C SER A 98 -8.64 0.15 -13.23
N ASN A 99 -7.45 0.77 -13.24
CA ASN A 99 -6.64 0.93 -12.03
C ASN A 99 -7.19 1.99 -11.10
N GLY A 100 -8.28 2.67 -11.47
N GLY A 100 -8.32 2.62 -11.42
CA GLY A 100 -8.81 3.73 -10.63
CA GLY A 100 -8.98 3.49 -10.46
C GLY A 100 -9.34 3.25 -9.30
C GLY A 100 -9.30 2.82 -9.15
N TYR A 101 -9.77 1.99 -9.24
N TYR A 101 -9.44 1.49 -9.15
CA TYR A 101 -10.24 1.44 -7.97
CA TYR A 101 -9.67 0.74 -7.92
C TYR A 101 -9.11 1.29 -6.96
C TYR A 101 -8.41 0.58 -7.09
N ARG A 102 -7.87 1.15 -7.45
N ARG A 102 -7.23 0.76 -7.69
CA ARG A 102 -6.71 1.19 -6.55
CA ARG A 102 -6.01 0.84 -6.90
C ARG A 102 -6.65 2.51 -5.81
C ARG A 102 -5.96 2.11 -6.07
N TYR A 103 -6.84 3.62 -6.52
N TYR A 103 -6.72 3.15 -6.45
CA TYR A 103 -6.71 4.94 -5.91
CA TYR A 103 -6.67 4.41 -5.74
C TYR A 103 -7.76 5.15 -4.83
C TYR A 103 -7.59 4.45 -4.53
N VAL A 104 -9.01 4.73 -5.10
N VAL A 104 -8.68 3.68 -4.55
CA VAL A 104 -10.06 4.86 -4.09
CA VAL A 104 -9.54 3.64 -3.37
C VAL A 104 -9.69 4.09 -2.83
C VAL A 104 -8.89 2.81 -2.26
N ASN A 105 -9.17 2.87 -3.01
N ASN A 105 -8.12 1.77 -2.62
CA ASN A 105 -8.80 2.05 -1.87
CA ASN A 105 -7.47 0.99 -1.58
C ASN A 105 -7.68 2.68 -1.06
C ASN A 105 -6.26 1.70 -0.98
N TRP A 106 -6.73 3.34 -1.74
N TRP A 106 -5.66 2.66 -1.69
CA TRP A 106 -5.62 3.99 -1.04
CA TRP A 106 -4.70 3.54 -1.04
C TRP A 106 -6.12 5.03 -0.04
C TRP A 106 -5.38 4.59 -0.18
N MET A 107 -7.30 5.60 -0.28
N MET A 107 -6.57 5.05 -0.60
CA MET A 107 -7.87 6.56 0.66
CA MET A 107 -7.35 5.95 0.25
C MET A 107 -8.07 5.95 2.04
C MET A 107 -7.73 5.26 1.55
N ALA A 108 -8.24 4.63 2.10
N ALA A 108 -7.85 3.94 1.53
CA ALA A 108 -8.40 3.92 3.36
CA ALA A 108 -8.25 3.19 2.72
C ALA A 108 -7.13 3.24 3.84
C ALA A 108 -7.08 2.68 3.55
N THR A 109 -6.36 2.62 2.94
N THR A 109 -6.02 2.17 2.91
CA THR A 109 -5.22 1.82 3.38
CA THR A 109 -4.93 1.57 3.67
C THR A 109 -4.03 2.68 3.81
C THR A 109 -3.93 2.59 4.19
N ILE A 110 -3.81 3.81 3.13
N ILE A 110 -3.68 3.68 3.45
CA ILE A 110 -2.70 4.68 3.50
CA ILE A 110 -2.65 4.64 3.87
C ILE A 110 -2.85 5.25 4.91
C ILE A 110 -2.92 5.21 5.27
N PRO A 111 -4.02 5.80 5.30
N PRO A 111 -4.11 5.73 5.58
CA PRO A 111 -4.16 6.23 6.70
CA PRO A 111 -4.35 6.17 6.97
C PRO A 111 -3.92 5.11 7.71
C PRO A 111 -4.12 5.07 7.99
N CYS A 112 -4.30 3.88 7.37
N CYS A 112 -4.40 3.81 7.63
CA CYS A 112 -4.07 2.75 8.26
CA CYS A 112 -4.11 2.70 8.51
C CYS A 112 -2.58 2.47 8.42
C CYS A 112 -2.60 2.50 8.67
N LEU A 113 -1.83 2.51 7.31
N LEU A 113 -1.86 2.57 7.56
CA LEU A 113 -0.39 2.29 7.38
CA LEU A 113 -0.41 2.38 7.63
C LEU A 113 0.30 3.37 8.21
C LEU A 113 0.26 3.50 8.40
N LEU A 114 -0.12 4.62 8.04
N LEU A 114 -0.22 4.74 8.22
CA LEU A 114 0.50 5.71 8.79
CA LEU A 114 0.36 5.86 8.95
C LEU A 114 0.12 5.65 10.27
C LEU A 114 0.03 5.78 10.44
N LEU A 115 -1.11 5.26 10.58
N LEU A 115 -1.20 5.39 10.76
CA LEU A 115 -1.56 5.24 11.98
CA LEU A 115 -1.58 5.25 12.16
C LEU A 115 -0.78 4.21 12.78
C LEU A 115 -0.75 4.19 12.86
N GLN A 116 -0.52 3.03 12.21
CA GLN A 116 0.18 2.01 12.98
C GLN A 116 1.64 2.36 13.22
N LEU A 117 2.22 3.22 12.40
CA LEU A 117 3.57 3.71 12.68
C LEU A 117 3.57 4.70 13.84
N LEU A 118 2.59 5.62 13.87
CA LEU A 118 2.51 6.56 14.98
C LEU A 118 2.28 5.87 16.30
N ILE A 119 1.59 4.73 16.28
CA ILE A 119 1.28 4.02 17.52
C ILE A 119 2.53 3.38 18.10
N VAL A 120 3.37 2.77 17.26
CA VAL A 120 4.60 2.16 17.77
C VAL A 120 5.67 3.20 18.07
N LEU A 121 5.52 4.42 17.58
CA LEU A 121 6.40 5.52 17.96
C LEU A 121 6.11 6.06 19.35
N ASN A 122 5.10 5.51 20.04
CA ASN A 122 4.69 5.88 21.38
C ASN A 122 4.13 7.29 21.46
N LEU A 123 3.63 7.82 20.34
CA LEU A 123 2.86 9.06 20.38
C LEU A 123 1.49 8.78 21.00
N LYS A 124 0.95 9.78 21.68
CA LYS A 124 -0.32 9.59 22.38
C LYS A 124 -1.09 10.90 22.42
N GLY A 125 -2.39 10.79 22.69
CA GLY A 125 -3.20 11.95 23.02
C GLY A 125 -3.18 13.03 21.95
N LYS A 126 -2.96 14.27 22.40
CA LYS A 126 -3.06 15.42 21.51
C LYS A 126 -2.11 15.30 20.34
N GLU A 127 -0.87 14.87 20.59
CA GLU A 127 0.10 14.79 19.49
C GLU A 127 -0.28 13.71 18.48
N LEU A 128 -0.81 12.58 18.96
CA LEU A 128 -1.20 11.51 18.05
C LEU A 128 -2.33 11.97 17.14
N PHE A 129 -3.42 12.51 17.72
CA PHE A 129 -4.51 13.01 16.90
C PHE A 129 -4.06 14.13 15.98
N SER A 130 -3.22 15.04 16.50
CA SER A 130 -2.76 16.16 15.69
C SER A 130 -1.91 15.69 14.52
N THR A 131 -0.94 14.80 14.78
CA THR A 131 -0.07 14.34 13.71
C THR A 131 -0.83 13.48 12.71
N ALA A 132 -1.80 12.69 13.18
CA ALA A 132 -2.56 11.83 12.27
C ALA A 132 -3.43 12.66 11.33
N THR A 133 -3.97 13.78 11.82
CA THR A 133 -4.83 14.61 10.98
C THR A 133 -4.04 15.25 9.84
N TRP A 134 -2.86 15.79 10.13
CA TRP A 134 -2.04 16.42 9.09
C TRP A 134 -1.54 15.40 8.09
N LEU A 135 -1.17 14.21 8.56
CA LEU A 135 -0.65 13.18 7.65
C LEU A 135 -1.75 12.66 6.73
N ILE A 136 -2.94 12.41 7.28
CA ILE A 136 -4.04 11.89 6.47
C ILE A 136 -4.51 12.94 5.47
N LEU A 137 -4.53 14.21 5.88
CA LEU A 137 -4.91 15.28 4.95
C LEU A 137 -3.90 15.42 3.82
N ALA A 138 -2.60 15.32 4.14
CA ALA A 138 -1.59 15.37 3.10
C ALA A 138 -1.67 14.15 2.19
N ALA A 139 -1.93 12.97 2.77
CA ALA A 139 -2.04 11.76 1.97
C ALA A 139 -3.26 11.80 1.06
N TRP A 140 -4.39 12.31 1.58
CA TRP A 140 -5.59 12.40 0.75
C TRP A 140 -5.41 13.39 -0.38
N GLY A 141 -4.70 14.49 -0.14
CA GLY A 141 -4.38 15.40 -1.23
C GLY A 141 -3.48 14.77 -2.27
N MET A 142 -2.54 13.94 -1.82
CA MET A 142 -1.69 13.20 -2.74
C MET A 142 -2.50 12.24 -3.60
N ILE A 143 -3.38 11.46 -2.98
N ILE A 143 -3.41 11.47 -3.00
CA ILE A 143 -4.14 10.45 -3.72
CA ILE A 143 -4.11 10.45 -3.77
C ILE A 143 -5.12 11.11 -4.69
C ILE A 143 -5.15 11.09 -4.69
N ILE A 144 -5.83 12.15 -4.22
CA ILE A 144 -6.90 12.73 -5.03
C ILE A 144 -6.34 13.41 -6.26
N THR A 145 -5.29 14.22 -6.09
CA THR A 145 -4.64 14.84 -7.24
C THR A 145 -4.02 13.80 -8.15
N GLY A 146 -3.53 12.69 -7.60
CA GLY A 146 -3.04 11.60 -8.43
C GLY A 146 -4.15 10.93 -9.20
N TYR A 147 -5.33 10.75 -8.57
CA TYR A 147 -6.44 10.12 -9.26
C TYR A 147 -6.88 10.95 -10.46
N VAL A 148 -7.04 12.26 -10.27
CA VAL A 148 -7.40 13.13 -11.38
C VAL A 148 -6.35 13.06 -12.48
N GLY A 149 -5.08 12.93 -12.09
CA GLY A 149 -4.01 12.91 -13.08
C GLY A 149 -4.06 11.71 -14.00
N GLN A 150 -4.31 10.53 -13.44
CA GLN A 150 -4.32 9.32 -14.26
C GLN A 150 -5.56 9.21 -15.13
N LEU A 151 -6.59 10.02 -14.88
CA LEU A 151 -7.70 10.13 -15.82
C LEU A 151 -7.24 10.56 -17.20
N TYR A 152 -6.07 11.19 -17.29
CA TYR A 152 -5.55 11.74 -18.54
C TYR A 152 -4.33 10.99 -19.05
N GLU A 153 -4.04 9.80 -18.53
CA GLU A 153 -2.84 9.08 -18.93
C GLU A 153 -2.85 8.72 -20.42
N VAL A 154 -4.02 8.70 -21.04
CA VAL A 154 -4.13 8.52 -22.48
C VAL A 154 -4.38 9.85 -23.19
N ASP A 155 -5.34 10.64 -22.68
CA ASP A 155 -5.81 11.80 -23.42
C ASP A 155 -4.85 12.99 -23.31
N ASP A 156 -4.33 13.27 -22.11
CA ASP A 156 -3.58 14.50 -21.86
C ASP A 156 -2.35 14.19 -21.01
N ILE A 157 -1.24 13.88 -21.68
CA ILE A 157 0.00 13.54 -20.97
C ILE A 157 0.50 14.72 -20.16
N ALA A 158 0.32 15.95 -20.66
CA ALA A 158 0.77 17.12 -19.92
C ALA A 158 0.00 17.27 -18.61
N GLN A 159 -1.30 16.93 -18.61
CA GLN A 159 -2.08 17.04 -17.38
C GLN A 159 -1.68 15.96 -16.38
N LEU A 160 -1.33 14.76 -16.87
CA LEU A 160 -0.79 13.73 -15.99
C LEU A 160 0.48 14.22 -15.29
N MET A 161 1.33 14.95 -16.02
CA MET A 161 2.57 15.47 -15.44
C MET A 161 2.28 16.54 -14.40
N ILE A 162 1.35 17.46 -14.69
CA ILE A 162 1.13 18.60 -13.80
C ILE A 162 0.41 18.17 -12.54
N TRP A 163 -0.62 17.33 -12.67
CA TRP A 163 -1.27 16.79 -11.48
C TRP A 163 -0.31 15.93 -10.67
N GLY A 164 0.63 15.27 -11.33
CA GLY A 164 1.61 14.47 -10.62
C GLY A 164 2.63 15.30 -9.87
N ALA A 165 2.92 16.51 -10.37
CA ALA A 165 3.81 17.40 -9.64
C ALA A 165 3.15 17.91 -8.37
N VAL A 166 1.85 18.27 -8.46
CA VAL A 166 1.09 18.64 -7.28
C VAL A 166 1.04 17.48 -6.30
N SER A 167 0.76 16.28 -6.81
CA SER A 167 0.72 15.10 -5.94
C SER A 167 2.07 14.87 -5.27
N THR A 168 3.17 15.07 -6.01
CA THR A 168 4.49 14.87 -5.43
C THR A 168 4.77 15.84 -4.30
N ALA A 169 4.23 17.06 -4.38
CA ALA A 169 4.44 18.04 -3.31
C ALA A 169 3.84 17.57 -1.99
N PHE A 170 2.63 17.02 -2.04
CA PHE A 170 2.03 16.44 -0.83
C PHE A 170 2.86 15.27 -0.33
N PHE A 171 3.34 14.44 -1.24
CA PHE A 171 4.14 13.27 -0.89
C PHE A 171 5.40 13.68 -0.12
N VAL A 172 6.08 14.72 -0.59
CA VAL A 172 7.32 15.17 0.06
C VAL A 172 7.03 15.74 1.44
N VAL A 173 5.99 16.57 1.55
CA VAL A 173 5.63 17.15 2.84
C VAL A 173 5.19 16.07 3.81
N MET A 174 4.47 15.06 3.32
CA MET A 174 4.05 13.95 4.17
C MET A 174 5.25 13.19 4.71
N ASN A 175 6.24 12.92 3.85
CA ASN A 175 7.44 12.21 4.29
C ASN A 175 8.27 13.03 5.27
N TRP A 176 8.29 14.35 5.12
CA TRP A 176 9.01 15.18 6.06
C TRP A 176 8.41 15.11 7.46
N ILE A 177 7.07 15.11 7.54
CA ILE A 177 6.40 14.97 8.83
C ILE A 177 6.74 13.61 9.45
N VAL A 178 6.65 12.55 8.65
CA VAL A 178 6.93 11.20 9.14
C VAL A 178 8.37 11.11 9.65
N GLY A 179 9.33 11.56 8.82
CA GLY A 179 10.72 11.45 9.20
C GLY A 179 11.06 12.28 10.43
N THR A 180 10.51 13.49 10.52
CA THR A 180 10.77 14.34 11.67
C THR A 180 10.26 13.70 12.96
N LYS A 181 9.04 13.17 12.92
CA LYS A 181 8.49 12.51 14.11
C LYS A 181 9.32 11.30 14.51
N ILE A 182 9.78 10.53 13.53
CA ILE A 182 10.55 9.33 13.83
C ILE A 182 11.86 9.68 14.53
N PHE A 183 12.60 10.64 13.97
CA PHE A 183 13.92 10.95 14.52
C PHE A 183 13.85 11.74 15.81
N LYS A 184 12.72 12.40 16.09
CA LYS A 184 12.57 13.15 17.34
C LYS A 184 12.02 12.30 18.48
N ASN A 185 11.42 11.14 18.17
CA ASN A 185 10.85 10.27 19.19
C ASN A 185 11.56 8.92 19.26
N ARG A 186 12.65 8.76 18.52
CA ARG A 186 13.41 7.50 18.54
C ARG A 186 13.89 7.15 19.93
N ALA A 187 14.22 8.15 20.74
CA ALA A 187 14.77 7.88 22.07
C ALA A 187 13.75 7.20 22.98
N THR A 188 12.46 7.40 22.74
CA THR A 188 11.43 6.86 23.60
C THR A 188 11.19 5.37 23.42
N MET A 189 11.83 4.73 22.44
CA MET A 189 11.44 3.40 22.02
C MET A 189 12.27 2.33 22.73
N LEU A 190 11.63 1.20 23.02
CA LEU A 190 12.15 0.18 23.93
C LEU A 190 12.69 -1.02 23.17
N GLY A 191 13.40 -1.88 23.91
CA GLY A 191 13.87 -3.15 23.40
C GLY A 191 14.81 -3.04 22.23
N GLY A 192 15.50 -1.91 22.09
CA GLY A 192 16.37 -1.71 20.94
C GLY A 192 15.66 -1.37 19.65
N THR A 193 14.35 -1.11 19.70
CA THR A 193 13.61 -0.76 18.49
C THR A 193 13.87 0.67 18.04
N ASP A 194 14.67 1.44 18.76
CA ASP A 194 15.11 2.73 18.23
C ASP A 194 15.96 2.53 17.00
N SER A 195 16.67 1.40 16.91
CA SER A 195 17.43 1.07 15.72
C SER A 195 16.53 0.52 14.62
N THR A 196 15.50 -0.24 15.00
CA THR A 196 14.63 -0.86 14.00
C THR A 196 13.78 0.17 13.27
N ILE A 197 13.34 1.22 13.97
CA ILE A 197 12.37 2.14 13.38
C ILE A 197 12.98 2.94 12.24
N THR A 198 14.28 3.23 12.28
CA THR A 198 14.91 3.92 11.16
C THR A 198 14.94 3.05 9.91
N LYS A 199 15.01 1.73 10.09
CA LYS A 199 14.95 0.82 8.96
C LYS A 199 13.56 0.80 8.34
N VAL A 200 12.52 0.94 9.17
CA VAL A 200 11.15 0.97 8.64
C VAL A 200 10.92 2.23 7.82
N PHE A 201 11.49 3.36 8.26
CA PHE A 201 11.37 4.61 7.49
C PHE A 201 12.00 4.45 6.11
N TRP A 202 13.16 3.81 6.03
CA TRP A 202 13.82 3.64 4.74
C TRP A 202 13.08 2.65 3.86
N LEU A 203 12.55 1.57 4.44
CA LEU A 203 11.70 0.66 3.68
C LEU A 203 10.47 1.39 3.13
N MET A 204 9.90 2.28 3.93
N MET A 204 9.86 2.25 3.95
CA MET A 204 8.74 3.06 3.50
CA MET A 204 8.74 3.07 3.51
C MET A 204 9.10 3.99 2.35
C MET A 204 9.14 3.94 2.32
N MET A 205 10.25 4.67 2.46
CA MET A 205 10.72 5.52 1.37
C MET A 205 10.85 4.75 0.07
N PHE A 206 11.49 3.59 0.13
CA PHE A 206 11.71 2.79 -1.07
C PHE A 206 10.38 2.30 -1.65
N ALA A 207 9.54 1.70 -0.81
CA ALA A 207 8.34 1.03 -1.30
C ALA A 207 7.32 2.02 -1.85
N TRP A 208 7.12 3.14 -1.16
N TRP A 208 7.16 3.16 -1.18
CA TRP A 208 6.09 4.08 -1.59
CA TRP A 208 6.18 4.16 -1.61
C TRP A 208 6.49 4.82 -2.87
C TRP A 208 6.64 4.91 -2.86
N THR A 209 7.80 4.97 -3.11
N THR A 209 7.94 4.98 -3.12
CA THR A 209 8.26 5.65 -4.31
CA THR A 209 8.44 5.61 -4.34
C THR A 209 8.01 4.81 -5.57
C THR A 209 8.19 4.75 -5.59
N LEU A 210 7.77 3.50 -5.42
CA LEU A 210 7.44 2.68 -6.58
C LEU A 210 6.12 3.08 -7.21
N TYR A 211 5.19 3.65 -6.42
CA TYR A 211 3.88 3.97 -6.96
C TYR A 211 3.92 5.14 -7.96
N PRO A 212 4.56 6.27 -7.67
CA PRO A 212 4.69 7.29 -8.72
C PRO A 212 5.44 6.81 -9.95
N ILE A 213 6.35 5.84 -9.78
CA ILE A 213 7.02 5.25 -10.94
C ILE A 213 6.03 4.50 -11.81
N ALA A 214 5.14 3.72 -11.19
CA ALA A 214 4.09 3.04 -11.95
C ALA A 214 3.12 4.04 -12.57
N TYR A 215 2.85 5.14 -11.88
CA TYR A 215 1.99 6.20 -12.40
C TYR A 215 2.53 6.79 -13.69
N LEU A 216 3.86 6.87 -13.83
CA LEU A 216 4.51 7.48 -14.98
C LEU A 216 4.74 6.51 -16.13
N VAL A 217 4.46 5.22 -15.94
CA VAL A 217 4.63 4.24 -17.00
C VAL A 217 4.02 4.68 -18.33
N PRO A 218 2.78 5.21 -18.37
CA PRO A 218 2.24 5.66 -19.66
C PRO A 218 3.07 6.72 -20.35
N ALA A 219 3.94 7.44 -19.63
CA ALA A 219 4.73 8.47 -20.26
C ALA A 219 5.94 7.91 -21.00
N PHE A 220 6.53 6.82 -20.52
CA PHE A 220 7.74 6.29 -21.13
C PHE A 220 7.64 4.87 -21.67
N MET A 221 6.54 4.14 -21.41
CA MET A 221 6.36 2.80 -21.97
C MET A 221 4.87 2.57 -22.25
N ASN A 222 4.34 3.29 -23.25
CA ASN A 222 2.93 3.19 -23.62
C ASN A 222 2.78 2.04 -24.63
N ASN A 223 2.78 0.82 -24.10
CA ASN A 223 2.53 -0.37 -24.90
C ASN A 223 2.05 -1.47 -23.94
N ALA A 224 1.78 -2.65 -24.50
CA ALA A 224 1.23 -3.73 -23.69
C ALA A 224 2.22 -4.22 -22.64
N ASP A 225 3.52 -4.15 -22.93
CA ASP A 225 4.52 -4.56 -21.95
C ASP A 225 4.62 -3.55 -20.81
N GLY A 226 4.28 -2.29 -21.06
CA GLY A 226 4.21 -1.30 -19.98
C GLY A 226 3.03 -1.53 -19.07
N VAL A 227 1.93 -2.04 -19.60
CA VAL A 227 0.82 -2.47 -18.76
C VAL A 227 1.28 -3.56 -17.81
N VAL A 228 2.05 -4.53 -18.32
CA VAL A 228 2.55 -5.61 -17.49
C VAL A 228 3.54 -5.09 -16.45
N LEU A 229 4.44 -4.19 -16.86
CA LEU A 229 5.43 -3.67 -15.93
C LEU A 229 4.77 -2.89 -14.81
N ARG A 230 3.71 -2.15 -15.11
CA ARG A 230 3.02 -1.38 -14.08
C ARG A 230 2.39 -2.31 -13.04
N GLN A 231 1.73 -3.38 -13.49
CA GLN A 231 1.18 -4.35 -12.55
C GLN A 231 2.27 -5.05 -11.74
N LEU A 232 3.43 -5.29 -12.37
CA LEU A 232 4.55 -5.88 -11.64
C LEU A 232 5.07 -4.92 -10.58
N LEU A 233 5.21 -3.64 -10.92
CA LEU A 233 5.65 -2.66 -9.94
C LEU A 233 4.65 -2.53 -8.80
N PHE A 234 3.36 -2.47 -9.13
N PHE A 234 3.37 -2.50 -9.13
CA PHE A 234 2.32 -2.44 -8.11
CA PHE A 234 2.35 -2.43 -8.09
C PHE A 234 2.45 -3.62 -7.15
C PHE A 234 2.43 -3.63 -7.15
N THR A 235 2.70 -4.82 -7.70
CA THR A 235 2.80 -6.01 -6.87
C THR A 235 3.98 -5.94 -5.93
N ILE A 236 5.15 -5.57 -6.45
CA ILE A 236 6.32 -5.38 -5.60
C ILE A 236 6.03 -4.34 -4.53
N ALA A 237 5.42 -3.22 -4.93
CA ALA A 237 5.15 -2.14 -3.98
C ALA A 237 4.10 -2.54 -2.95
N ASP A 238 3.05 -3.25 -3.39
N ASP A 238 2.98 -3.14 -3.41
CA ASP A 238 2.00 -3.67 -2.46
CA ASP A 238 1.89 -3.42 -2.50
C ASP A 238 2.56 -4.58 -1.38
C ASP A 238 2.30 -4.44 -1.45
N ILE A 239 3.35 -5.58 -1.78
N ILE A 239 3.26 -5.30 -1.78
CA ILE A 239 3.93 -6.52 -0.82
CA ILE A 239 3.74 -6.27 -0.81
C ILE A 239 4.92 -5.81 0.10
C ILE A 239 4.74 -5.63 0.15
N SER A 240 5.72 -4.90 -0.46
N SER A 240 5.57 -4.71 -0.35
CA SER A 240 6.72 -4.19 0.36
CA SER A 240 6.61 -4.11 0.47
C SER A 240 6.05 -3.23 1.34
C SER A 240 6.05 -3.01 1.37
N SER A 241 5.08 -2.43 0.87
N SER A 241 5.13 -2.20 0.85
CA SER A 241 4.52 -1.37 1.69
CA SER A 241 4.53 -1.14 1.64
C SER A 241 3.50 -1.86 2.69
C SER A 241 3.47 -1.63 2.61
N LYS A 242 2.89 -3.03 2.47
N LYS A 242 2.96 -2.84 2.43
CA LYS A 242 1.84 -3.54 3.34
CA LYS A 242 1.92 -3.42 3.28
C LYS A 242 2.26 -4.77 4.13
C LYS A 242 2.41 -4.61 4.09
N VAL A 243 2.79 -5.79 3.46
N VAL A 243 2.76 -5.71 3.42
CA VAL A 243 3.08 -7.06 4.14
CA VAL A 243 3.06 -6.95 4.12
C VAL A 243 4.40 -6.99 4.88
C VAL A 243 4.38 -6.85 4.89
N ILE A 244 5.49 -6.69 4.16
CA ILE A 244 6.80 -6.62 4.80
C ILE A 244 6.81 -5.51 5.85
N TYR A 245 6.25 -4.35 5.50
CA TYR A 245 6.13 -3.25 6.44
C TYR A 245 5.33 -3.66 7.68
N GLY A 246 4.24 -4.41 7.48
CA GLY A 246 3.43 -4.82 8.61
C GLY A 246 4.14 -5.80 9.53
N LEU A 247 4.98 -6.67 8.96
N LEU A 247 4.99 -6.66 8.95
CA LEU A 247 5.75 -7.60 9.79
CA LEU A 247 5.76 -7.61 9.75
C LEU A 247 6.75 -6.86 10.65
C LEU A 247 6.78 -6.88 10.63
N MET A 248 7.39 -5.82 10.10
CA MET A 248 8.32 -5.02 10.89
C MET A 248 7.60 -4.25 11.99
N ILE A 249 6.44 -3.68 11.67
CA ILE A 249 5.64 -2.98 12.67
C ILE A 249 5.22 -3.94 13.78
N THR A 250 4.79 -5.14 13.40
CA THR A 250 4.38 -6.13 14.39
C THR A 250 5.57 -6.58 15.23
N TYR A 251 6.74 -6.75 14.61
CA TYR A 251 7.93 -7.08 15.37
C TYR A 251 8.25 -5.99 16.40
N ILE A 252 8.19 -4.73 15.98
CA ILE A 252 8.46 -3.63 16.89
C ILE A 252 7.42 -3.60 18.01
N ALA A 253 6.17 -3.91 17.67
CA ALA A 253 5.10 -3.90 18.67
C ALA A 253 5.34 -4.96 19.75
N ILE A 254 5.74 -6.16 19.35
CA ILE A 254 5.95 -7.24 20.31
C ILE A 254 7.21 -7.00 21.13
N GLN A 255 8.28 -6.53 20.47
CA GLN A 255 9.53 -6.25 21.18
C GLN A 255 9.32 -5.22 22.28
N GLN A 256 8.61 -4.14 21.96
CA GLN A 256 8.33 -3.12 22.97
C GLN A 256 7.38 -3.64 24.04
N SER A 257 6.45 -4.52 23.66
CA SER A 257 5.57 -5.13 24.65
C SER A 257 6.36 -5.95 25.65
N ALA A 258 7.33 -6.74 25.18
CA ALA A 258 8.14 -7.55 26.07
C ALA A 258 8.99 -6.70 26.99
N ALA A 259 9.61 -5.64 26.45
CA ALA A 259 10.42 -4.75 27.27
C ALA A 259 9.58 -3.99 28.28
N ALA A 260 8.29 -3.82 28.01
CA ALA A 260 7.38 -3.15 28.95
C ALA A 260 6.76 -4.09 29.95
N GLY A 261 7.13 -5.37 29.93
CA GLY A 261 6.66 -6.32 30.92
C GLY A 261 5.42 -7.11 30.56
N TYR A 262 5.07 -7.19 29.28
CA TYR A 262 3.92 -7.99 28.86
C TYR A 262 4.37 -9.45 28.75
N VAL A 263 3.83 -10.31 29.63
CA VAL A 263 4.31 -11.70 29.70
C VAL A 263 4.05 -12.46 28.41
N PRO A 264 2.85 -12.42 27.81
CA PRO A 264 2.67 -13.14 26.53
C PRO A 264 3.65 -12.71 25.46
N ALA A 265 4.07 -11.45 25.45
CA ALA A 265 5.08 -11.00 24.50
C ALA A 265 6.44 -11.61 24.83
N GLN A 266 6.82 -11.60 26.10
CA GLN A 266 8.12 -12.16 26.50
C GLN A 266 8.18 -13.65 26.21
N GLN A 267 7.11 -14.38 26.54
CA GLN A 267 7.06 -15.81 26.21
C GLN A 267 7.15 -16.03 24.71
N ALA A 268 6.42 -15.22 23.94
CA ALA A 268 6.40 -15.40 22.49
C ALA A 268 7.79 -15.27 21.89
N LEU A 269 8.56 -14.27 22.34
CA LEU A 269 9.92 -14.13 21.84
C LEU A 269 10.83 -15.23 22.35
N GLY A 270 10.58 -15.73 23.57
CA GLY A 270 11.44 -16.74 24.14
C GLY A 270 11.46 -18.03 23.33
N ARG A 271 10.29 -18.46 22.85
CA ARG A 271 10.23 -19.71 22.10
C ARG A 271 11.01 -19.63 20.80
N ILE A 272 11.15 -18.44 20.23
CA ILE A 272 11.95 -18.27 19.03
C ILE A 272 13.21 -17.47 19.35
C1 RET B . 0.54 8.93 -7.00
C1 RET B . 0.59 8.78 -6.90
C2 RET B . 0.58 9.93 -8.19
C2 RET B . 0.47 9.90 -7.96
C3 RET B . 1.93 10.38 -8.66
C3 RET B . 1.75 10.39 -8.59
C4 RET B . 2.70 10.97 -7.53
C4 RET B . 2.67 10.87 -7.52
C5 RET B . 2.50 10.31 -6.20
C5 RET B . 2.70 10.02 -6.28
C6 RET B . 1.66 9.24 -6.01
C6 RET B . 1.84 8.97 -6.05
C7 RET B . 1.96 8.26 -4.94
C7 RET B . 1.91 8.27 -4.76
C8 RET B . 1.17 7.45 -4.25
C8 RET B . 1.63 7.01 -4.40
C9 RET B . 1.55 6.52 -3.21
C9 RET B . 1.77 6.46 -3.07
C10 RET B . 0.74 5.46 -2.97
C10 RET B . 1.08 5.36 -2.71
C11 RET B . 0.91 4.43 -2.00
C11 RET B . 1.12 4.71 -1.44
C12 RET B . 0.10 3.30 -1.96
C12 RET B . 0.47 3.54 -1.07
C13 RET B . 0.22 2.22 -1.01
C13 RET B . 0.58 2.97 0.26
C14 RET B . -0.52 1.13 -1.18
C14 RET B . -0.15 1.90 0.61
C15 RET B . -0.53 -0.04 -0.35
C15 RET B . -1.12 1.10 -0.09
C16 RET B . -0.84 9.06 -6.32
C16 RET B . -0.67 8.80 -6.01
C17 RET B . 0.73 7.52 -7.60
C17 RET B . 0.68 7.44 -7.67
C18 RET B . 3.65 10.71 -5.27
C18 RET B . 3.66 10.63 -5.24
C19 RET B . 2.79 6.80 -2.44
C19 RET B . 2.71 7.17 -2.13
C20 RET B . 1.21 2.38 0.11
C20 RET B . 1.55 3.69 1.14
C1 HEX C . 8.41 -11.70 12.20
C2 HEX C . 8.20 -10.60 13.24
C3 HEX C . 7.20 -11.09 14.29
C4 HEX C . 7.91 -12.01 15.27
C5 HEX C . 6.96 -12.36 16.41
C6 HEX C . 6.61 -13.85 16.38
C1 HEX D . 15.85 -11.83 0.14
C2 HEX D . 14.42 -11.37 0.42
C3 HEX D . 14.35 -10.74 1.82
C4 HEX D . 12.94 -10.84 2.38
C5 HEX D . 12.94 -10.43 3.85
C6 HEX D . 11.50 -10.25 4.33
C1 HEX E . -15.27 4.10 -12.66
C2 HEX E . -13.75 4.04 -12.43
C3 HEX E . -13.47 3.78 -10.96
C4 HEX E . -13.22 5.10 -10.24
C5 HEX E . -13.88 5.05 -8.86
C6 HEX E . -14.15 6.48 -8.39
C1 HEX F . 7.99 18.37 -7.51
C2 HEX F . 9.41 18.79 -7.12
C3 HEX F . 9.55 18.78 -5.59
C4 HEX F . 10.95 18.31 -5.22
C5 HEX F . 11.29 18.76 -3.80
C6 HEX F . 12.45 17.93 -3.26
C1 D10 G . 1.83 21.26 7.82
C2 D10 G . 1.77 21.22 9.36
C3 D10 G . 2.50 19.87 9.59
C4 D10 G . 2.43 19.30 11.02
C5 D10 G . 3.84 19.21 11.62
C6 D10 G . 3.83 18.36 12.90
C7 D10 G . 2.66 18.81 13.80
C8 D10 G . 2.43 17.74 14.89
C9 D10 G . 2.02 18.43 16.21
C10 D10 G . 3.09 18.18 17.30
C1 D10 H . -4.36 -19.42 4.15
C2 D10 H . -5.72 -18.86 3.72
C3 D10 H . -5.30 -18.17 2.39
C4 D10 H . -6.00 -18.73 1.13
C5 D10 H . -6.02 -17.65 0.02
C6 D10 H . -7.20 -17.90 -0.92
C7 D10 H . -6.83 -17.50 -2.35
C8 D10 H . -8.10 -17.12 -3.14
C9 D10 H . -7.75 -16.97 -4.64
C10 D10 H . -9.00 -16.55 -5.43
C1 D10 I . 12.76 14.32 1.16
C2 D10 I . 11.68 13.73 2.09
C3 D10 I . 12.58 13.31 3.29
C4 D10 I . 12.25 14.01 4.62
C5 D10 I . 13.08 13.38 5.75
C6 D10 I . 13.55 14.48 6.71
C7 D10 I . 13.91 13.86 8.07
C8 D10 I . 15.01 14.69 8.75
C9 D10 I . 14.47 15.30 10.05
C10 D10 I . 15.64 15.68 10.98
BR BR J . -4.54 -0.94 -1.28
BR BR K . -0.37 -1.82 27.79
BR BR L . 16.18 16.03 14.49
#